data_3QDS
#
_entry.id   3QDS
#
_cell.length_a   68.047
_cell.length_b   97.443
_cell.length_c   84.366
_cell.angle_alpha   90.00
_cell.angle_beta   90.00
_cell.angle_gamma   90.00
#
_symmetry.space_group_name_H-M   'C 2 2 21'
#
loop_
_entity.id
_entity.type
_entity.pdbx_description
1 polymer 'BOLETUS EDULIS LECTIN'
2 water water
#
_entity_poly.entity_id   1
_entity_poly.type   'polypeptide(L)'
_entity_poly.pdbx_seq_one_letter_code
;(ACE)TYSITLRVFQRNPGRGFFSIVEKTVFHYANGGTWSEAKGTHTLTMGGSGTSGVLRFMSDKGELITVAVGVHNYKR
WCDVVTGLKPEETALVINPQYYNNGPRAYTREKQLAEYNVTSVVGTRFEVKYTVVEGNNLEANVIFS
;
_entity_poly.pdbx_strand_id   A,B
#
# COMPACT_ATOMS: atom_id res chain seq x y z
N THR A 2 -1.30 -19.17 12.46
CA THR A 2 -1.26 -17.72 12.46
C THR A 2 -2.65 -17.12 12.62
N TYR A 3 -2.70 -15.87 13.09
CA TYR A 3 -3.91 -15.07 13.07
C TYR A 3 -3.64 -13.82 12.25
N SER A 4 -4.62 -13.33 11.51
CA SER A 4 -4.51 -12.01 10.91
C SER A 4 -5.75 -11.20 11.26
N ILE A 5 -5.53 -9.88 11.33
CA ILE A 5 -6.61 -8.94 11.51
C ILE A 5 -6.47 -7.86 10.45
N THR A 6 -7.46 -7.72 9.57
CA THR A 6 -7.43 -6.74 8.51
C THR A 6 -8.36 -5.62 8.85
N LEU A 7 -7.85 -4.39 8.81
CA LEU A 7 -8.60 -3.19 9.16
C LEU A 7 -8.83 -2.30 7.96
N ARG A 8 -10.05 -1.76 7.89
CA ARG A 8 -10.43 -0.72 6.93
C ARG A 8 -10.79 0.52 7.72
N VAL A 9 -10.20 1.65 7.37
CA VAL A 9 -10.40 2.87 8.13
C VAL A 9 -11.38 3.80 7.43
N PHE A 10 -12.47 4.10 8.09
CA PHE A 10 -13.55 4.97 7.58
C PHE A 10 -13.48 6.25 8.38
N GLN A 11 -13.58 7.38 7.73
CA GLN A 11 -13.55 8.69 8.39
C GLN A 11 -14.80 9.42 7.95
N ARG A 12 -15.65 9.80 8.87
CA ARG A 12 -17.00 10.22 8.53
C ARG A 12 -17.22 11.71 8.50
N ASN A 13 -16.47 12.48 9.27
CA ASN A 13 -16.84 13.84 9.53
C ASN A 13 -15.67 14.79 9.43
N PRO A 14 -15.56 15.50 8.31
CA PRO A 14 -14.44 16.42 8.12
C PRO A 14 -14.25 17.44 9.22
N GLY A 15 -15.30 17.76 9.97
CA GLY A 15 -15.17 18.75 11.03
C GLY A 15 -14.27 18.26 12.14
N ARG A 16 -14.01 16.95 12.20
CA ARG A 16 -13.10 16.40 13.21
C ARG A 16 -11.66 16.39 12.74
N GLY A 17 -11.41 16.83 11.52
CA GLY A 17 -10.08 16.67 10.92
C GLY A 17 -9.95 15.34 10.22
N PHE A 18 -8.76 15.11 9.71
CA PHE A 18 -8.42 13.93 8.97
C PHE A 18 -7.24 13.23 9.63
N PHE A 19 -7.39 11.94 9.90
CA PHE A 19 -6.38 11.21 10.64
C PHE A 19 -5.48 10.42 9.72
N SER A 20 -4.21 10.29 10.10
CA SER A 20 -3.24 9.44 9.40
C SER A 20 -2.41 8.71 10.42
N ILE A 21 -1.83 7.59 10.01
CA ILE A 21 -1.00 6.77 10.91
C ILE A 21 0.33 7.43 11.19
N VAL A 22 0.74 7.43 12.45
CA VAL A 22 2.03 7.96 12.87
C VAL A 22 2.90 6.94 13.56
N GLU A 23 2.41 5.72 13.80
CA GLU A 23 3.21 4.69 14.49
C GLU A 23 2.44 3.39 14.36
N LYS A 24 3.16 2.28 14.30
CA LYS A 24 2.54 0.97 14.32
C LYS A 24 3.43 0.04 15.10
N THR A 25 2.95 -0.60 16.15
CA THR A 25 3.74 -1.52 16.97
C THR A 25 3.16 -2.92 16.92
N VAL A 26 4.02 -3.88 17.26
CA VAL A 26 3.60 -5.27 17.43
C VAL A 26 4.19 -5.81 18.73
N PHE A 27 3.36 -6.39 19.57
CA PHE A 27 3.84 -6.96 20.82
C PHE A 27 4.59 -8.29 20.57
N HIS A 28 5.48 -8.68 21.48
CA HIS A 28 6.42 -9.75 21.21
C HIS A 28 5.93 -11.15 21.52
N TYR A 29 4.79 -11.30 22.18
CA TYR A 29 4.26 -12.62 22.45
C TYR A 29 3.88 -13.32 21.15
N ALA A 30 3.72 -14.64 21.24
CA ALA A 30 3.19 -15.46 20.16
C ALA A 30 4.02 -15.35 18.89
N ASN A 31 5.33 -15.23 19.05
CA ASN A 31 6.26 -15.05 17.93
C ASN A 31 6.09 -13.77 17.16
N GLY A 32 5.53 -12.75 17.81
CA GLY A 32 5.42 -11.44 17.17
C GLY A 32 4.47 -11.42 16.01
N GLY A 33 4.77 -10.59 15.03
CA GLY A 33 3.86 -10.33 13.93
C GLY A 33 4.30 -9.09 13.18
N THR A 34 3.60 -8.79 12.10
CA THR A 34 3.98 -7.72 11.19
C THR A 34 2.75 -7.01 10.66
N TRP A 35 2.88 -5.70 10.44
CA TRP A 35 1.86 -4.93 9.73
C TRP A 35 2.20 -4.86 8.26
N SER A 36 1.17 -4.90 7.43
CA SER A 36 1.32 -4.70 5.98
C SER A 36 0.16 -3.88 5.48
N GLU A 37 0.29 -3.39 4.27
CA GLU A 37 -0.72 -2.56 3.62
C GLU A 37 -1.02 -3.12 2.26
N ALA A 38 -2.28 -3.13 1.89
CA ALA A 38 -2.70 -3.53 0.55
C ALA A 38 -4.04 -2.91 0.22
N LYS A 39 -4.18 -2.33 -0.97
CA LYS A 39 -5.45 -1.76 -1.41
C LYS A 39 -6.08 -0.87 -0.37
N GLY A 40 -5.27 -0.06 0.26
CA GLY A 40 -5.73 0.93 1.22
C GLY A 40 -6.13 0.38 2.58
N THR A 41 -5.92 -0.91 2.84
CA THR A 41 -6.23 -1.55 4.10
C THR A 41 -4.93 -1.86 4.86
N HIS A 42 -5.08 -2.28 6.09
CA HIS A 42 -3.95 -2.59 6.97
C HIS A 42 -4.16 -3.98 7.53
N THR A 43 -3.18 -4.88 7.47
CA THR A 43 -3.29 -6.18 8.08
C THR A 43 -2.21 -6.37 9.10
N LEU A 44 -2.60 -6.83 10.28
CA LEU A 44 -1.67 -7.31 11.31
C LEU A 44 -1.66 -8.83 11.25
N THR A 45 -0.51 -9.39 10.94
CA THR A 45 -0.34 -10.86 10.88
C THR A 45 0.46 -11.26 12.12
N MET A 46 -0.02 -12.22 12.89
CA MET A 46 0.58 -12.61 14.17
C MET A 46 0.89 -14.10 14.16
N GLY A 47 1.90 -14.47 14.93
CA GLY A 47 2.40 -15.85 14.95
C GLY A 47 1.57 -16.83 15.71
N GLY A 48 0.51 -16.41 16.37
CA GLY A 48 -0.39 -17.28 17.09
C GLY A 48 -1.32 -16.43 17.92
N SER A 49 -2.13 -17.06 18.75
CA SER A 49 -2.96 -16.36 19.71
C SER A 49 -2.11 -15.80 20.85
N GLY A 50 -2.48 -14.64 21.38
CA GLY A 50 -1.85 -14.09 22.57
C GLY A 50 -1.01 -12.85 22.36
N THR A 51 -1.09 -12.23 21.18
CA THR A 51 -0.41 -10.98 20.97
C THR A 51 -1.33 -9.94 20.32
N SER A 52 -0.76 -8.83 19.88
CA SER A 52 -1.53 -7.69 19.41
C SER A 52 -0.63 -6.71 18.73
N GLY A 53 -1.24 -5.67 18.18
CA GLY A 53 -0.52 -4.53 17.68
C GLY A 53 -1.33 -3.28 17.86
N VAL A 54 -0.66 -2.15 17.76
CA VAL A 54 -1.31 -0.85 17.94
C VAL A 54 -0.98 0.05 16.77
N LEU A 55 -2.01 0.74 16.24
CA LEU A 55 -1.84 1.86 15.33
C LEU A 55 -2.06 3.15 16.09
N ARG A 56 -1.12 4.08 16.02
CA ARG A 56 -1.41 5.42 16.53
C ARG A 56 -1.70 6.31 15.35
N PHE A 57 -2.72 7.15 15.50
CA PHE A 57 -3.14 8.11 14.50
C PHE A 57 -3.01 9.52 15.02
N MET A 58 -2.71 10.44 14.13
CA MET A 58 -2.75 11.87 14.44
C MET A 58 -3.65 12.54 13.41
N SER A 59 -4.52 13.42 13.88
CA SER A 59 -5.28 14.21 12.92
C SER A 59 -4.52 15.45 12.51
N ASP A 60 -4.97 16.05 11.41
CA ASP A 60 -4.40 17.31 10.97
C ASP A 60 -4.84 18.46 11.88
N LYS A 61 -5.67 18.19 12.88
CA LYS A 61 -5.94 19.13 13.96
C LYS A 61 -5.13 18.81 15.22
N GLY A 62 -4.22 17.85 15.15
CA GLY A 62 -3.31 17.58 16.26
C GLY A 62 -3.74 16.51 17.27
N GLU A 63 -4.91 15.88 17.07
CA GLU A 63 -5.42 14.89 18.03
C GLU A 63 -4.64 13.57 17.87
N LEU A 64 -4.32 12.91 18.98
CA LEU A 64 -3.57 11.65 19.00
C LEU A 64 -4.40 10.58 19.67
N ILE A 65 -4.55 9.45 18.98
CA ILE A 65 -5.32 8.34 19.48
C ILE A 65 -4.69 7.02 19.04
N THR A 66 -4.90 5.97 19.83
CA THR A 66 -4.42 4.63 19.46
C THR A 66 -5.57 3.66 19.31
N VAL A 67 -5.40 2.75 18.36
CA VAL A 67 -6.27 1.59 18.14
C VAL A 67 -5.46 0.34 18.38
N ALA A 68 -5.88 -0.52 19.32
CA ALA A 68 -5.24 -1.81 19.58
C ALA A 68 -6.15 -2.93 19.11
N VAL A 69 -5.57 -3.92 18.44
CA VAL A 69 -6.29 -5.14 18.07
C VAL A 69 -5.40 -6.34 18.31
N GLY A 70 -5.99 -7.46 18.67
CA GLY A 70 -5.17 -8.67 18.88
C GLY A 70 -6.07 -9.85 19.13
N VAL A 71 -5.47 -10.97 19.57
CA VAL A 71 -6.21 -12.20 19.85
C VAL A 71 -5.77 -12.67 21.22
N HIS A 72 -6.73 -12.94 22.07
CA HIS A 72 -6.50 -13.37 23.44
C HIS A 72 -7.27 -14.67 23.66
N ASN A 73 -6.58 -15.76 23.99
CA ASN A 73 -7.22 -17.05 24.17
C ASN A 73 -8.15 -17.39 23.00
N TYR A 74 -7.65 -17.16 21.79
CA TYR A 74 -8.30 -17.56 20.54
C TYR A 74 -9.45 -16.68 20.15
N LYS A 75 -9.70 -15.58 20.85
CA LYS A 75 -10.79 -14.67 20.50
C LYS A 75 -10.26 -13.26 20.28
N ARG A 76 -10.85 -12.55 19.33
CA ARG A 76 -10.39 -11.20 19.06
C ARG A 76 -10.65 -10.25 20.19
N TRP A 77 -9.83 -9.20 20.27
CA TRP A 77 -10.05 -8.11 21.20
C TRP A 77 -9.70 -6.79 20.52
N CYS A 78 -10.16 -5.69 21.12
CA CYS A 78 -9.83 -4.35 20.64
C CYS A 78 -9.93 -3.34 21.76
N ASP A 79 -9.33 -2.18 21.53
CA ASP A 79 -9.43 -1.05 22.41
C ASP A 79 -9.10 0.19 21.64
N VAL A 80 -9.54 1.36 22.14
CA VAL A 80 -9.16 2.65 21.58
C VAL A 80 -8.80 3.53 22.75
N VAL A 81 -7.67 4.22 22.70
CA VAL A 81 -7.29 5.17 23.75
C VAL A 81 -7.22 6.54 23.10
N THR A 82 -7.88 7.52 23.73
CA THR A 82 -7.91 8.88 23.21
C THR A 82 -7.26 9.86 24.17
N GLY A 83 -7.16 11.10 23.73
CA GLY A 83 -6.63 12.16 24.59
C GLY A 83 -5.16 11.99 24.91
N LEU A 84 -4.41 11.35 24.01
CA LEU A 84 -3.02 11.05 24.32
C LEU A 84 -2.14 12.27 24.29
N LYS A 85 -1.18 12.30 25.21
CA LYS A 85 -0.14 13.31 25.16
C LYS A 85 0.94 12.87 24.16
N PRO A 86 1.75 13.81 23.68
CA PRO A 86 2.76 13.43 22.67
C PRO A 86 3.77 12.35 23.14
N GLU A 87 4.06 12.30 24.44
CA GLU A 87 5.00 11.30 24.92
C GLU A 87 4.35 9.92 25.10
N GLU A 88 3.02 9.82 25.00
CA GLU A 88 2.34 8.54 25.14
C GLU A 88 2.26 7.87 23.78
N THR A 89 3.41 7.39 23.33
CA THR A 89 3.53 6.80 22.02
C THR A 89 2.91 5.40 22.03
N ALA A 90 2.71 4.82 20.84
CA ALA A 90 2.21 3.44 20.80
C ALA A 90 3.19 2.48 21.49
N LEU A 91 4.46 2.81 21.44
CA LEU A 91 5.47 2.03 22.13
C LEU A 91 5.23 2.00 23.64
N VAL A 92 4.67 3.08 24.18
CA VAL A 92 4.25 3.10 25.61
C VAL A 92 2.94 2.32 25.81
N ILE A 93 1.99 2.51 24.92
CA ILE A 93 0.67 1.98 25.10
C ILE A 93 0.58 0.46 24.91
N ASN A 94 1.20 -0.08 23.86
CA ASN A 94 1.01 -1.52 23.57
C ASN A 94 1.34 -2.43 24.75
N PRO A 95 2.48 -2.17 25.45
CA PRO A 95 2.79 -3.06 26.57
C PRO A 95 1.84 -2.96 27.77
N GLN A 96 1.08 -1.87 27.86
CA GLN A 96 0.16 -1.65 28.99
C GLN A 96 -0.98 -2.65 29.02
N TYR A 97 -1.15 -3.42 27.95
CA TYR A 97 -2.15 -4.48 27.90
C TYR A 97 -1.67 -5.78 28.52
N TYR A 98 -0.39 -5.85 28.88
CA TYR A 98 0.26 -7.10 29.29
C TYR A 98 0.98 -6.92 30.63
N ASN A 99 1.48 -8.03 31.17
CA ASN A 99 2.26 -8.02 32.42
C ASN A 99 1.52 -7.29 33.55
N ASN A 100 0.22 -7.52 33.64
CA ASN A 100 -0.61 -6.92 34.70
C ASN A 100 -0.66 -5.40 34.60
N GLY A 101 -0.46 -4.90 33.38
CA GLY A 101 -0.53 -3.46 33.13
C GLY A 101 -1.94 -2.94 33.22
N PRO A 102 -2.09 -1.63 33.17
CA PRO A 102 -3.37 -1.00 33.48
C PRO A 102 -4.46 -1.16 32.46
N ARG A 103 -4.14 -1.66 31.26
CA ARG A 103 -5.15 -1.89 30.22
C ARG A 103 -5.43 -3.38 30.01
N ALA A 104 -4.80 -4.25 30.80
CA ALA A 104 -4.98 -5.69 30.57
C ALA A 104 -6.44 -6.10 30.64
N TYR A 105 -7.21 -5.48 31.54
CA TYR A 105 -8.63 -5.82 31.69
C TYR A 105 -9.37 -5.66 30.36
N THR A 106 -8.97 -4.69 29.57
CA THR A 106 -9.67 -4.43 28.33
C THR A 106 -9.38 -5.53 27.31
N ARG A 107 -8.14 -5.99 27.22
CA ARG A 107 -7.81 -7.12 26.39
C ARG A 107 -8.65 -8.34 26.81
N GLU A 108 -8.74 -8.55 28.11
CA GLU A 108 -9.39 -9.75 28.67
C GLU A 108 -10.87 -9.78 28.35
N LYS A 109 -11.48 -8.63 28.06
CA LYS A 109 -12.88 -8.61 27.63
C LYS A 109 -13.12 -9.24 26.29
N GLN A 110 -12.10 -9.37 25.45
CA GLN A 110 -12.28 -10.00 24.12
C GLN A 110 -13.43 -9.38 23.35
N LEU A 111 -13.44 -8.06 23.25
CA LEU A 111 -14.56 -7.39 22.60
C LEU A 111 -14.52 -7.47 21.09
N ALA A 112 -15.69 -7.68 20.50
CA ALA A 112 -15.88 -7.61 19.06
C ALA A 112 -16.27 -6.21 18.58
N GLU A 113 -16.55 -5.29 19.50
CA GLU A 113 -16.81 -3.90 19.17
C GLU A 113 -16.55 -3.03 20.35
N TYR A 114 -16.15 -1.80 20.08
CA TYR A 114 -15.93 -0.83 21.15
C TYR A 114 -16.11 0.57 20.60
N ASN A 115 -16.58 1.50 21.41
CA ASN A 115 -16.92 2.87 21.03
C ASN A 115 -16.39 3.82 22.09
N VAL A 116 -15.74 4.91 21.69
CA VAL A 116 -15.32 5.92 22.67
C VAL A 116 -15.39 7.27 22.01
N THR A 117 -15.73 8.33 22.74
CA THR A 117 -15.62 9.70 22.23
C THR A 117 -14.51 10.40 22.99
N SER A 118 -13.58 11.03 22.30
CA SER A 118 -12.51 11.77 22.96
C SER A 118 -13.02 13.02 23.64
N VAL A 119 -12.24 13.55 24.57
CA VAL A 119 -12.62 14.72 25.32
C VAL A 119 -12.83 15.90 24.38
N VAL A 120 -12.12 15.92 23.25
CA VAL A 120 -12.30 17.00 22.31
C VAL A 120 -13.46 16.76 21.35
N GLY A 121 -14.14 15.61 21.50
CA GLY A 121 -15.40 15.36 20.79
C GLY A 121 -15.36 14.45 19.58
N THR A 122 -14.29 13.70 19.37
CA THR A 122 -14.20 12.81 18.22
C THR A 122 -14.65 11.40 18.58
N ARG A 123 -15.60 10.84 17.85
CA ARG A 123 -16.05 9.48 18.04
C ARG A 123 -15.11 8.50 17.35
N PHE A 124 -14.85 7.37 17.98
CA PHE A 124 -14.06 6.29 17.39
C PHE A 124 -14.78 5.00 17.69
N GLU A 125 -14.84 4.13 16.70
CA GLU A 125 -15.43 2.82 16.87
C GLU A 125 -14.55 1.78 16.21
N VAL A 126 -14.38 0.64 16.86
CA VAL A 126 -13.84 -0.55 16.18
C VAL A 126 -14.96 -1.56 16.16
N LYS A 127 -15.24 -2.11 14.98
CA LYS A 127 -16.32 -3.09 14.83
C LYS A 127 -15.82 -4.26 14.01
N TYR A 128 -15.64 -5.43 14.62
CA TYR A 128 -15.28 -6.60 13.83
C TYR A 128 -16.45 -7.05 12.96
N THR A 129 -16.17 -7.30 11.69
CA THR A 129 -17.13 -7.78 10.71
C THR A 129 -16.96 -9.27 10.45
N VAL A 130 -15.76 -9.80 10.66
CA VAL A 130 -15.54 -11.23 10.76
C VAL A 130 -14.96 -11.46 12.15
N VAL A 131 -15.70 -12.18 12.99
CA VAL A 131 -15.49 -12.17 14.44
C VAL A 131 -14.98 -13.49 14.99
N GLU A 132 -14.87 -14.50 14.13
CA GLU A 132 -14.40 -15.81 14.51
C GLU A 132 -13.37 -16.30 13.52
N GLY A 133 -12.61 -17.31 13.90
CA GLY A 133 -11.61 -17.87 13.02
C GLY A 133 -10.27 -17.16 13.05
N ASN A 134 -9.42 -17.46 12.07
CA ASN A 134 -8.05 -17.01 12.10
C ASN A 134 -7.80 -15.84 11.17
N ASN A 135 -8.75 -15.46 10.32
CA ASN A 135 -8.60 -14.35 9.39
C ASN A 135 -9.70 -13.34 9.68
N LEU A 136 -9.46 -12.51 10.68
CA LEU A 136 -10.44 -11.60 11.25
C LEU A 136 -10.45 -10.28 10.47
N GLU A 137 -11.54 -9.55 10.54
CA GLU A 137 -11.73 -8.31 9.78
C GLU A 137 -12.46 -7.32 10.65
N ALA A 138 -12.04 -6.07 10.63
CA ALA A 138 -12.73 -5.03 11.38
C ALA A 138 -12.70 -3.72 10.64
N ASN A 139 -13.75 -2.95 10.87
CA ASN A 139 -13.82 -1.56 10.46
C ASN A 139 -13.42 -0.67 11.63
N VAL A 140 -12.63 0.35 11.35
CA VAL A 140 -12.26 1.37 12.32
C VAL A 140 -12.87 2.66 11.82
N ILE A 141 -13.77 3.26 12.58
CA ILE A 141 -14.57 4.38 12.12
C ILE A 141 -14.28 5.60 12.96
N PHE A 142 -13.86 6.67 12.33
CA PHE A 142 -13.62 7.95 13.00
C PHE A 142 -14.78 8.90 12.70
N SER A 143 -15.25 9.62 13.69
CA SER A 143 -16.27 10.65 13.49
C SER A 143 -17.66 10.08 13.38
N THR B 2 -7.58 -13.04 -17.47
CA THR B 2 -6.95 -11.78 -17.08
C THR B 2 -5.43 -11.94 -17.04
N TYR B 3 -4.74 -10.81 -17.10
CA TYR B 3 -3.29 -10.77 -16.90
C TYR B 3 -2.94 -9.82 -15.80
N SER B 4 -1.92 -10.13 -15.02
CA SER B 4 -1.39 -9.16 -14.09
C SER B 4 0.10 -9.02 -14.27
N ILE B 5 0.59 -7.82 -13.97
CA ILE B 5 2.02 -7.52 -13.97
C ILE B 5 2.34 -6.86 -12.64
N THR B 6 3.20 -7.51 -11.84
CA THR B 6 3.60 -6.95 -10.55
C THR B 6 5.02 -6.43 -10.63
N LEU B 7 5.19 -5.18 -10.20
CA LEU B 7 6.46 -4.48 -10.28
C LEU B 7 7.03 -4.19 -8.91
N ARG B 8 8.33 -4.42 -8.78
CA ARG B 8 9.10 -4.01 -7.61
C ARG B 8 10.08 -2.96 -8.06
N VAL B 9 10.09 -1.80 -7.43
CA VAL B 9 10.94 -0.68 -7.84
C VAL B 9 12.19 -0.58 -6.97
N PHE B 10 13.34 -0.79 -7.58
CA PHE B 10 14.63 -0.73 -6.90
C PHE B 10 15.37 0.53 -7.29
N GLN B 11 15.55 1.46 -6.37
CA GLN B 11 16.35 2.68 -6.61
C GLN B 11 17.72 2.46 -6.03
N ARG B 12 18.75 2.45 -6.87
CA ARG B 12 20.05 1.98 -6.46
C ARG B 12 20.98 3.07 -6.03
N ASN B 13 20.82 4.28 -6.58
CA ASN B 13 21.92 5.24 -6.62
C ASN B 13 21.48 6.64 -6.18
N PRO B 14 21.75 7.01 -4.95
CA PRO B 14 21.29 8.32 -4.46
C PRO B 14 21.78 9.51 -5.29
N GLY B 15 22.86 9.34 -6.04
CA GLY B 15 23.35 10.42 -6.86
C GLY B 15 22.35 10.85 -7.92
N ARG B 16 21.40 9.97 -8.27
CA ARG B 16 20.38 10.33 -9.25
C ARG B 16 19.21 11.02 -8.62
N GLY B 17 19.24 11.22 -7.32
CA GLY B 17 18.04 11.67 -6.64
C GLY B 17 17.13 10.49 -6.34
N PHE B 18 15.93 10.83 -5.91
CA PHE B 18 14.99 9.83 -5.46
C PHE B 18 13.66 10.05 -6.17
N PHE B 19 13.10 8.98 -6.73
CA PHE B 19 11.89 9.08 -7.56
C PHE B 19 10.67 8.67 -6.79
N SER B 20 9.54 9.28 -7.16
CA SER B 20 8.23 8.87 -6.66
C SER B 20 7.23 8.92 -7.80
N ILE B 21 6.16 8.16 -7.67
CA ILE B 21 5.13 8.11 -8.69
C ILE B 21 4.31 9.38 -8.72
N VAL B 22 4.06 9.89 -9.93
CA VAL B 22 3.24 11.09 -10.08
C VAL B 22 1.99 10.85 -10.94
N GLU B 23 1.84 9.67 -11.54
CA GLU B 23 0.70 9.40 -12.43
C GLU B 23 0.67 7.91 -12.68
N LYS B 24 -0.51 7.36 -12.89
CA LYS B 24 -0.65 5.96 -13.27
C LYS B 24 -1.84 5.83 -14.19
N THR B 25 -1.65 5.35 -15.42
CA THR B 25 -2.74 5.27 -16.40
C THR B 25 -2.97 3.81 -16.80
N VAL B 26 -4.17 3.53 -17.32
CA VAL B 26 -4.50 2.24 -17.89
C VAL B 26 -5.17 2.46 -19.23
N PHE B 27 -4.68 1.79 -20.26
CA PHE B 27 -5.29 1.91 -21.57
C PHE B 27 -6.60 1.08 -21.64
N HIS B 28 -7.51 1.50 -22.52
CA HIS B 28 -8.88 0.99 -22.49
C HIS B 28 -9.14 -0.32 -23.22
N TYR B 29 -8.19 -0.84 -23.98
CA TYR B 29 -8.37 -2.13 -24.62
C TYR B 29 -8.47 -3.24 -23.58
N ALA B 30 -8.93 -4.41 -24.04
CA ALA B 30 -8.97 -5.65 -23.24
C ALA B 30 -9.78 -5.47 -21.96
N ASN B 31 -10.83 -4.67 -22.05
CA ASN B 31 -11.70 -4.38 -20.91
C ASN B 31 -10.97 -3.62 -19.81
N GLY B 32 -9.93 -2.86 -20.16
CA GLY B 32 -9.28 -2.03 -19.16
C GLY B 32 -8.51 -2.81 -18.12
N GLY B 33 -8.41 -2.21 -16.95
CA GLY B 33 -7.54 -2.72 -15.89
C GLY B 33 -7.36 -1.70 -14.81
N THR B 34 -6.65 -2.09 -13.77
CA THR B 34 -6.53 -1.29 -12.57
C THR B 34 -5.16 -1.46 -11.94
N TRP B 35 -4.64 -0.39 -11.37
CA TRP B 35 -3.41 -0.46 -10.56
C TRP B 35 -3.78 -0.66 -9.11
N SER B 36 -2.98 -1.44 -8.41
CA SER B 36 -3.10 -1.58 -6.96
C SER B 36 -1.71 -1.61 -6.33
N GLU B 37 -1.67 -1.43 -5.03
CA GLU B 37 -0.43 -1.45 -4.26
C GLU B 37 -0.56 -2.40 -3.08
N ALA B 38 0.51 -3.16 -2.84
CA ALA B 38 0.57 -4.04 -1.67
C ALA B 38 2.02 -4.26 -1.31
N LYS B 39 2.35 -4.11 -0.02
CA LYS B 39 3.71 -4.40 0.45
C LYS B 39 4.77 -3.69 -0.36
N GLY B 40 4.50 -2.44 -0.70
CA GLY B 40 5.49 -1.66 -1.41
C GLY B 40 5.64 -1.95 -2.89
N THR B 41 4.82 -2.83 -3.45
CA THR B 41 4.88 -3.20 -4.85
C THR B 41 3.65 -2.64 -5.56
N HIS B 42 3.66 -2.75 -6.88
CA HIS B 42 2.58 -2.22 -7.73
C HIS B 42 2.11 -3.29 -8.66
N THR B 43 0.80 -3.53 -8.77
CA THR B 43 0.32 -4.54 -9.71
C THR B 43 -0.66 -3.88 -10.65
N LEU B 44 -0.48 -4.12 -11.94
CA LEU B 44 -1.45 -3.76 -12.98
C LEU B 44 -2.22 -5.04 -13.32
N THR B 45 -3.52 -5.02 -13.09
CA THR B 45 -4.40 -6.14 -13.44
C THR B 45 -5.21 -5.70 -14.66
N MET B 46 -5.25 -6.53 -15.69
CA MET B 46 -5.86 -6.21 -16.99
C MET B 46 -6.85 -7.28 -17.37
N GLY B 47 -7.86 -6.89 -18.15
CA GLY B 47 -8.94 -7.82 -18.46
C GLY B 47 -8.62 -8.86 -19.51
N GLY B 48 -7.45 -8.82 -20.13
CA GLY B 48 -7.06 -9.77 -21.17
C GLY B 48 -5.76 -9.31 -21.76
N SER B 49 -5.28 -10.00 -22.79
CA SER B 49 -4.16 -9.55 -23.59
C SER B 49 -4.57 -8.39 -24.46
N GLY B 50 -3.65 -7.45 -24.67
CA GLY B 50 -3.87 -6.37 -25.60
C GLY B 50 -3.94 -4.98 -25.01
N THR B 51 -3.62 -4.83 -23.73
CA THR B 51 -3.61 -3.51 -23.14
C THR B 51 -2.36 -3.30 -22.29
N SER B 52 -2.32 -2.20 -21.54
CA SER B 52 -1.11 -1.80 -20.84
C SER B 52 -1.46 -0.70 -19.86
N GLY B 53 -0.46 -0.31 -19.09
CA GLY B 53 -0.56 0.86 -18.26
C GLY B 53 0.80 1.51 -18.14
N VAL B 54 0.82 2.75 -17.64
CA VAL B 54 2.04 3.54 -17.53
C VAL B 54 2.13 4.11 -16.13
N LEU B 55 3.32 4.03 -15.54
CA LEU B 55 3.66 4.76 -14.33
C LEU B 55 4.57 5.90 -14.72
N ARG B 56 4.24 7.12 -14.33
CA ARG B 56 5.18 8.22 -14.48
C ARG B 56 5.82 8.51 -13.15
N PHE B 57 7.13 8.74 -13.16
CA PHE B 57 7.92 9.03 -11.98
C PHE B 57 8.57 10.41 -12.11
N MET B 58 8.73 11.09 -10.99
CA MET B 58 9.48 12.31 -10.90
C MET B 58 10.52 12.16 -9.82
N SER B 59 11.77 12.56 -10.11
CA SER B 59 12.77 12.58 -9.06
C SER B 59 12.73 13.90 -8.30
N ASP B 60 13.33 13.88 -7.11
CA ASP B 60 13.49 15.09 -6.33
C ASP B 60 14.52 16.01 -6.92
N LYS B 61 15.09 15.65 -8.08
CA LYS B 61 15.90 16.57 -8.88
C LYS B 61 15.15 17.06 -10.14
N GLY B 62 13.89 16.68 -10.26
CA GLY B 62 13.03 17.21 -11.33
C GLY B 62 12.90 16.32 -12.56
N GLU B 63 13.60 15.19 -12.59
CA GLU B 63 13.57 14.33 -13.79
C GLU B 63 12.25 13.62 -13.93
N LEU B 64 11.71 13.56 -15.15
CA LEU B 64 10.41 12.90 -15.43
C LEU B 64 10.62 11.77 -16.42
N ILE B 65 10.14 10.58 -16.06
CA ILE B 65 10.28 9.39 -16.90
C ILE B 65 9.03 8.54 -16.78
N THR B 66 8.73 7.75 -17.80
CA THR B 66 7.63 6.80 -17.74
C THR B 66 8.09 5.38 -17.94
N VAL B 67 7.41 4.47 -17.27
CA VAL B 67 7.56 3.04 -17.45
C VAL B 67 6.23 2.49 -17.93
N ALA B 68 6.23 1.82 -19.08
CA ALA B 68 5.04 1.19 -19.63
C ALA B 68 5.22 -0.32 -19.57
N VAL B 69 4.16 -1.03 -19.16
CA VAL B 69 4.13 -2.49 -19.16
C VAL B 69 2.79 -2.94 -19.67
N GLY B 70 2.75 -4.07 -20.38
CA GLY B 70 1.48 -4.57 -20.87
C GLY B 70 1.66 -5.94 -21.51
N VAL B 71 0.62 -6.43 -22.18
CA VAL B 71 0.69 -7.72 -22.82
C VAL B 71 0.16 -7.53 -24.25
N HIS B 72 0.94 -7.98 -25.22
CA HIS B 72 0.61 -7.83 -26.64
C HIS B 72 0.67 -9.22 -27.27
N ASN B 73 -0.43 -9.65 -27.85
CA ASN B 73 -0.50 -11.00 -28.44
C ASN B 73 0.04 -12.06 -27.50
N TYR B 74 -0.39 -11.95 -26.24
CA TYR B 74 -0.14 -12.96 -25.21
C TYR B 74 1.28 -12.96 -24.69
N LYS B 75 2.09 -11.98 -25.10
CA LYS B 75 3.46 -11.86 -24.59
C LYS B 75 3.68 -10.51 -23.89
N ARG B 76 4.43 -10.51 -22.81
CA ARG B 76 4.69 -9.23 -22.11
C ARG B 76 5.47 -8.27 -22.98
N TRP B 77 5.30 -6.97 -22.69
CA TRP B 77 6.12 -5.95 -23.29
C TRP B 77 6.42 -4.89 -22.25
N CYS B 78 7.40 -4.06 -22.56
CA CYS B 78 7.74 -2.94 -21.70
C CYS B 78 8.46 -1.86 -22.49
N ASP B 79 8.50 -0.68 -21.89
CA ASP B 79 9.22 0.45 -22.46
C ASP B 79 9.54 1.41 -21.33
N VAL B 80 10.58 2.22 -21.49
CA VAL B 80 10.87 3.33 -20.59
C VAL B 80 11.14 4.54 -21.47
N VAL B 81 10.47 5.65 -21.20
CA VAL B 81 10.67 6.88 -21.93
C VAL B 81 11.26 7.89 -20.98
N THR B 82 12.41 8.45 -21.37
CA THR B 82 13.06 9.41 -20.50
C THR B 82 13.09 10.78 -21.11
N GLY B 83 13.61 11.74 -20.38
CA GLY B 83 13.77 13.08 -20.92
C GLY B 83 12.45 13.82 -21.16
N LEU B 84 11.40 13.44 -20.43
CA LEU B 84 10.07 13.99 -20.68
C LEU B 84 9.97 15.45 -20.24
N LYS B 85 9.22 16.22 -21.01
CA LYS B 85 8.83 17.55 -20.62
C LYS B 85 7.62 17.47 -19.67
N PRO B 86 7.39 18.51 -18.88
CA PRO B 86 6.22 18.48 -17.97
C PRO B 86 4.88 18.27 -18.69
N GLU B 87 4.74 18.74 -19.93
CA GLU B 87 3.47 18.58 -20.62
C GLU B 87 3.27 17.17 -21.15
N GLU B 88 4.30 16.35 -21.16
CA GLU B 88 4.20 14.98 -21.68
C GLU B 88 3.82 14.06 -20.53
N THR B 89 2.55 14.12 -20.16
CA THR B 89 2.04 13.35 -19.04
C THR B 89 1.87 11.88 -19.48
N ALA B 90 1.69 10.98 -18.51
CA ALA B 90 1.40 9.59 -18.88
C ALA B 90 0.14 9.48 -19.73
N LEU B 91 -0.81 10.37 -19.51
CA LEU B 91 -2.04 10.41 -20.29
C LEU B 91 -1.72 10.67 -21.78
N VAL B 92 -0.67 11.44 -22.03
CA VAL B 92 -0.16 11.61 -23.42
C VAL B 92 0.59 10.38 -23.94
N ILE B 93 1.44 9.81 -23.11
CA ILE B 93 2.32 8.75 -23.54
C ILE B 93 1.59 7.40 -23.76
N ASN B 94 0.70 6.98 -22.87
CA ASN B 94 0.11 5.63 -22.97
C ASN B 94 -0.56 5.40 -24.33
N PRO B 95 -1.35 6.36 -24.85
CA PRO B 95 -1.98 6.13 -26.16
C PRO B 95 -1.01 6.04 -27.34
N GLN B 96 0.21 6.55 -27.20
CA GLN B 96 1.18 6.59 -28.30
C GLN B 96 1.64 5.19 -28.70
N TYR B 97 1.35 4.18 -27.87
CA TYR B 97 1.64 2.79 -28.20
C TYR B 97 0.61 2.13 -29.11
N TYR B 98 -0.50 2.84 -29.36
CA TYR B 98 -1.62 2.23 -30.05
C TYR B 98 -2.07 3.10 -31.23
N ASN B 99 -3.04 2.60 -32.00
CA ASN B 99 -3.59 3.35 -33.14
C ASN B 99 -2.51 3.87 -34.08
N ASN B 100 -1.51 3.04 -34.33
CA ASN B 100 -0.39 3.42 -35.21
C ASN B 100 0.38 4.62 -34.70
N GLY B 101 0.40 4.81 -33.39
CA GLY B 101 1.15 5.91 -32.80
C GLY B 101 2.64 5.65 -32.86
N PRO B 102 3.43 6.62 -32.45
CA PRO B 102 4.86 6.60 -32.71
C PRO B 102 5.63 5.60 -31.85
N ARG B 103 5.00 5.05 -30.82
CA ARG B 103 5.65 4.07 -29.97
C ARG B 103 5.12 2.65 -30.18
N ALA B 104 4.21 2.45 -31.13
CA ALA B 104 3.65 1.11 -31.35
C ALA B 104 4.71 0.06 -31.61
N TYR B 105 5.75 0.40 -32.37
CA TYR B 105 6.80 -0.56 -32.68
C TYR B 105 7.47 -1.09 -31.40
N THR B 106 7.55 -0.28 -30.35
CA THR B 106 8.21 -0.71 -29.12
C THR B 106 7.33 -1.74 -28.41
N ARG B 107 6.02 -1.53 -28.37
CA ARG B 107 5.11 -2.53 -27.86
C ARG B 107 5.24 -3.85 -28.64
N GLU B 108 5.32 -3.72 -29.96
CA GLU B 108 5.36 -4.87 -30.85
C GLU B 108 6.60 -5.74 -30.64
N LYS B 109 7.67 -5.16 -30.12
CA LYS B 109 8.87 -5.94 -29.78
C LYS B 109 8.65 -6.98 -28.68
N GLN B 110 7.62 -6.81 -27.84
CA GLN B 110 7.35 -7.78 -26.78
C GLN B 110 8.58 -8.07 -25.92
N LEU B 111 9.23 -7.02 -25.47
CA LEU B 111 10.46 -7.19 -24.72
C LEU B 111 10.24 -7.69 -23.31
N ALA B 112 11.08 -8.65 -22.93
CA ALA B 112 11.16 -9.12 -21.55
C ALA B 112 12.18 -8.34 -20.73
N GLU B 113 12.99 -7.49 -21.35
CA GLU B 113 13.95 -6.63 -20.63
C GLU B 113 14.20 -5.43 -21.52
N TYR B 114 14.47 -4.28 -20.90
CA TYR B 114 14.82 -3.07 -21.62
C TYR B 114 15.69 -2.20 -20.75
N ASN B 115 16.73 -1.62 -21.35
CA ASN B 115 17.70 -0.81 -20.66
C ASN B 115 17.92 0.49 -21.40
N VAL B 116 17.83 1.61 -20.69
CA VAL B 116 18.04 2.93 -21.30
C VAL B 116 18.61 3.89 -20.29
N THR B 117 19.52 4.76 -20.70
CA THR B 117 20.06 5.77 -19.81
C THR B 117 19.65 7.14 -20.31
N SER B 118 19.21 8.00 -19.39
CA SER B 118 18.65 9.28 -19.75
C SER B 118 19.71 10.34 -19.95
N VAL B 119 19.24 11.47 -20.48
CA VAL B 119 20.00 12.66 -20.74
C VAL B 119 20.67 13.20 -19.47
N VAL B 120 20.10 12.96 -18.30
CA VAL B 120 20.79 13.42 -17.09
C VAL B 120 21.61 12.32 -16.43
N GLY B 121 21.69 11.15 -17.05
CA GLY B 121 22.59 10.08 -16.60
C GLY B 121 21.95 8.97 -15.80
N THR B 122 20.64 9.01 -15.62
CA THR B 122 19.97 8.00 -14.84
C THR B 122 19.78 6.75 -15.69
N ARG B 123 20.20 5.61 -15.16
CA ARG B 123 20.08 4.33 -15.82
C ARG B 123 18.73 3.76 -15.41
N PHE B 124 18.00 3.22 -16.37
CA PHE B 124 16.74 2.56 -16.12
C PHE B 124 16.77 1.17 -16.72
N GLU B 125 16.23 0.20 -16.00
CA GLU B 125 16.09 -1.14 -16.51
C GLU B 125 14.71 -1.67 -16.08
N VAL B 126 14.03 -2.33 -17.01
CA VAL B 126 12.87 -3.16 -16.67
C VAL B 126 13.28 -4.57 -17.01
N LYS B 127 13.15 -5.49 -16.07
CA LYS B 127 13.54 -6.87 -16.33
C LYS B 127 12.47 -7.77 -15.76
N TYR B 128 11.78 -8.47 -16.62
CA TYR B 128 10.79 -9.43 -16.17
C TYR B 128 11.50 -10.62 -15.56
N THR B 129 11.04 -11.02 -14.39
CA THR B 129 11.54 -12.18 -13.64
C THR B 129 10.65 -13.40 -13.81
N VAL B 130 9.37 -13.18 -14.07
CA VAL B 130 8.45 -14.20 -14.56
C VAL B 130 7.99 -13.66 -15.90
N VAL B 131 8.37 -14.35 -16.97
CA VAL B 131 8.30 -13.84 -18.32
C VAL B 131 7.22 -14.48 -19.18
N GLU B 132 6.50 -15.48 -18.65
CA GLU B 132 5.47 -16.19 -19.39
C GLU B 132 4.29 -16.41 -18.45
N GLY B 133 3.13 -16.70 -19.03
CA GLY B 133 1.93 -16.91 -18.25
C GLY B 133 1.15 -15.65 -17.95
N ASN B 134 0.16 -15.77 -17.10
CA ASN B 134 -0.75 -14.67 -16.85
C ASN B 134 -0.42 -13.89 -15.59
N ASN B 135 0.55 -14.36 -14.81
CA ASN B 135 0.93 -13.68 -13.57
C ASN B 135 2.39 -13.26 -13.70
N LEU B 136 2.58 -12.15 -14.38
CA LEU B 136 3.91 -11.70 -14.75
C LEU B 136 4.54 -10.88 -13.64
N GLU B 137 5.86 -10.87 -13.58
CA GLU B 137 6.58 -10.16 -12.51
C GLU B 137 7.77 -9.46 -13.13
N ALA B 138 8.06 -8.22 -12.73
CA ALA B 138 9.23 -7.54 -13.22
C ALA B 138 9.82 -6.67 -12.14
N ASN B 139 11.13 -6.49 -12.23
CA ASN B 139 11.87 -5.50 -11.46
C ASN B 139 12.09 -4.27 -12.30
N VAL B 140 11.88 -3.10 -11.71
CA VAL B 140 12.15 -1.82 -12.36
C VAL B 140 13.29 -1.20 -11.56
N ILE B 141 14.43 -0.95 -12.19
CA ILE B 141 15.65 -0.53 -11.48
C ILE B 141 16.08 0.82 -11.99
N PHE B 142 16.23 1.76 -11.07
CA PHE B 142 16.76 3.09 -11.39
C PHE B 142 18.18 3.11 -10.82
N SER B 143 19.17 3.46 -11.63
CA SER B 143 20.56 3.28 -11.20
C SER B 143 21.45 4.39 -11.68
#